data_1BND
#
_entry.id   1BND
#
_cell.length_a   98.400
_cell.length_b   45.100
_cell.length_c   68.000
_cell.angle_alpha   90.00
_cell.angle_beta   118.30
_cell.angle_gamma   90.00
#
_symmetry.space_group_name_H-M   'C 1 2 1'
#
loop_
_entity.id
_entity.type
_entity.pdbx_description
1 polymer 'BRAIN DERIVED NEUROTROPHIC FACTOR'
2 polymer 'NEUROTROPHIN 3'
3 non-polymer 'ISOPROPYL ALCOHOL'
4 water water
#
loop_
_entity_poly.entity_id
_entity_poly.type
_entity_poly.pdbx_seq_one_letter_code
_entity_poly.pdbx_strand_id
1 'polypeptide(L)'
;HSDPARRGQLSVCDSISEWVTAADKKTAVDMSGGTVTVLEKVPVSKGQLKQYFYETKCNPMGYTKEGCRGIDKRHWNSQC
RTTQSYVRALTMDSKKRIGWRFIRIDTSCVCTLTIKRGR
;
A
2 'polypeptide(L)'
;YAEHKSHRGEVSVCDSESLWVTDKSSAIDIRGHQVTVLGEIKTQNSPVKQYFYETRCKEARPVKNGCRGIDDKHWNSQCK
TSQTYVRALTSENNKLVGWRWIRIDTSCVCALSRKIGRT
;
B
#
loop_
_chem_comp.id
_chem_comp.type
_chem_comp.name
_chem_comp.formula
IPA non-polymer 'ISOPROPYL ALCOHOL' 'C3 H8 O'
#
# COMPACT_ATOMS: atom_id res chain seq x y z
N GLY A 8 -17.18 -17.51 -2.46
CA GLY A 8 -16.25 -16.34 -2.41
C GLY A 8 -14.80 -16.74 -2.14
N GLN A 9 -13.93 -15.73 -1.98
CA GLN A 9 -12.50 -15.88 -1.72
C GLN A 9 -12.12 -15.79 -0.23
N LEU A 10 -10.82 -15.78 0.02
CA LEU A 10 -10.28 -15.69 1.35
C LEU A 10 -8.78 -15.39 1.24
N SER A 11 -8.30 -14.46 2.06
CA SER A 11 -6.90 -14.07 2.06
C SER A 11 -5.98 -15.18 2.59
N VAL A 12 -4.78 -15.25 2.04
CA VAL A 12 -3.77 -16.21 2.48
C VAL A 12 -3.21 -15.72 3.83
N CYS A 13 -3.30 -14.41 4.06
CA CYS A 13 -2.86 -13.79 5.30
C CYS A 13 -3.89 -12.82 5.80
N ASP A 14 -4.14 -12.85 7.11
CA ASP A 14 -5.12 -11.98 7.73
C ASP A 14 -4.57 -10.60 8.03
N SER A 15 -5.25 -9.59 7.47
CA SER A 15 -4.85 -8.19 7.66
C SER A 15 -5.96 -7.29 8.22
N ILE A 16 -5.57 -6.15 8.75
CA ILE A 16 -6.50 -5.14 9.27
C ILE A 16 -6.04 -3.78 8.84
N SER A 17 -6.98 -2.93 8.43
CA SER A 17 -6.64 -1.57 8.02
C SER A 17 -7.05 -0.55 9.11
N GLU A 18 -6.48 0.63 9.04
CA GLU A 18 -6.77 1.64 10.03
C GLU A 18 -6.35 3.04 9.55
N TRP A 19 -7.11 4.06 9.94
CA TRP A 19 -6.79 5.45 9.60
C TRP A 19 -5.84 5.88 10.72
N VAL A 20 -4.70 6.44 10.36
CA VAL A 20 -3.69 6.82 11.36
C VAL A 20 -3.33 8.27 11.11
N THR A 21 -3.44 9.11 12.12
CA THR A 21 -3.14 10.50 11.90
C THR A 21 -1.70 10.68 12.21
N ALA A 22 -1.17 11.77 11.69
CA ALA A 22 0.20 12.15 11.91
C ALA A 22 0.36 12.32 13.42
N ALA A 23 -0.74 12.65 14.09
CA ALA A 23 -0.70 12.86 15.52
C ALA A 23 -0.41 11.57 16.27
N ASP A 24 -0.98 10.46 15.81
CA ASP A 24 -0.74 9.15 16.45
C ASP A 24 0.67 8.69 16.07
N LYS A 25 1.03 8.96 14.81
CA LYS A 25 2.29 8.55 14.23
C LYS A 25 3.56 9.23 14.75
N LYS A 26 3.65 10.55 14.62
CA LYS A 26 4.79 11.37 15.11
C LYS A 26 5.99 11.37 14.19
N THR A 27 6.66 10.23 14.09
CA THR A 27 7.87 10.09 13.27
C THR A 27 7.74 8.97 12.24
N ALA A 28 8.60 9.02 11.24
CA ALA A 28 8.59 8.03 10.18
C ALA A 28 9.94 8.07 9.50
N VAL A 29 10.22 7.08 8.65
CA VAL A 29 11.50 7.02 7.94
C VAL A 29 11.27 7.37 6.48
N ASP A 30 12.09 8.26 5.94
CA ASP A 30 11.88 8.57 4.56
C ASP A 30 12.60 7.60 3.60
N MET A 31 12.48 7.86 2.32
CA MET A 31 13.05 7.02 1.30
C MET A 31 14.57 7.06 1.34
N SER A 32 15.11 7.82 2.28
CA SER A 32 16.55 8.00 2.41
C SER A 32 17.13 7.38 3.67
N GLY A 33 16.28 6.95 4.59
CA GLY A 33 16.80 6.32 5.79
C GLY A 33 16.63 7.19 7.01
N GLY A 34 16.39 8.47 6.73
CA GLY A 34 16.21 9.43 7.79
C GLY A 34 14.89 9.39 8.52
N THR A 35 14.97 9.62 9.83
CA THR A 35 13.79 9.74 10.71
C THR A 35 13.30 11.20 10.52
N VAL A 36 12.00 11.30 10.29
CA VAL A 36 11.36 12.55 9.96
C VAL A 36 10.10 12.78 10.84
N THR A 37 9.81 14.03 11.22
CA THR A 37 8.56 14.21 11.97
C THR A 37 7.47 14.55 10.98
N VAL A 38 6.35 13.86 11.12
CA VAL A 38 5.20 14.07 10.27
C VAL A 38 4.34 15.19 10.89
N LEU A 39 4.16 16.28 10.16
CA LEU A 39 3.34 17.42 10.58
C LEU A 39 1.82 17.08 10.65
N GLU A 40 1.14 17.57 11.68
CA GLU A 40 -0.29 17.28 11.86
C GLU A 40 -1.25 17.94 10.87
N LYS A 41 -0.93 19.13 10.42
CA LYS A 41 -1.80 19.84 9.51
C LYS A 41 -0.98 20.47 8.43
N VAL A 42 -1.52 20.47 7.20
CA VAL A 42 -0.87 21.07 6.03
C VAL A 42 -1.67 22.24 5.48
N PRO A 43 -1.00 23.38 5.26
CA PRO A 43 -1.63 24.59 4.75
C PRO A 43 -2.04 24.42 3.32
N VAL A 44 -3.34 24.55 3.03
CA VAL A 44 -3.84 24.47 1.66
C VAL A 44 -4.45 25.83 1.28
N SER A 45 -5.26 25.89 0.23
CA SER A 45 -5.85 27.17 -0.19
C SER A 45 -6.71 27.82 0.92
N LYS A 46 -7.83 27.19 1.25
CA LYS A 46 -8.74 27.70 2.27
C LYS A 46 -8.05 27.76 3.63
N GLY A 47 -7.80 26.58 4.20
CA GLY A 47 -7.16 26.57 5.48
C GLY A 47 -6.16 25.47 5.65
N GLN A 48 -6.40 24.71 6.70
CA GLN A 48 -5.56 23.61 7.10
C GLN A 48 -6.20 22.31 6.69
N LEU A 49 -5.40 21.25 6.66
CA LEU A 49 -5.83 19.90 6.30
C LEU A 49 -5.21 18.95 7.31
N LYS A 50 -6.01 18.26 8.10
CA LYS A 50 -5.41 17.32 9.06
C LYS A 50 -4.72 16.22 8.20
N GLN A 51 -3.47 15.89 8.54
CA GLN A 51 -2.72 14.90 7.78
C GLN A 51 -2.89 13.47 8.29
N TYR A 52 -3.46 12.60 7.48
CA TYR A 52 -3.59 11.26 7.95
C TYR A 52 -3.34 10.22 6.86
N PHE A 53 -3.21 8.97 7.27
CA PHE A 53 -2.86 7.85 6.41
C PHE A 53 -3.74 6.64 6.58
N TYR A 54 -3.86 5.84 5.54
CA TYR A 54 -4.65 4.61 5.58
C TYR A 54 -3.60 3.50 5.59
N GLU A 55 -3.56 2.73 6.68
CA GLU A 55 -2.59 1.69 6.84
C GLU A 55 -3.18 0.34 7.02
N THR A 56 -2.54 -0.63 6.40
CA THR A 56 -2.96 -2.01 6.47
C THR A 56 -1.76 -2.79 7.02
N LYS A 57 -2.01 -3.78 7.85
CA LYS A 57 -0.93 -4.59 8.38
C LYS A 57 -1.41 -6.00 8.74
N CYS A 58 -0.47 -6.91 9.00
CA CYS A 58 -0.89 -8.26 9.39
C CYS A 58 -1.65 -8.16 10.68
N ASN A 59 -2.82 -8.77 10.69
CA ASN A 59 -3.66 -8.76 11.88
C ASN A 59 -2.93 -9.61 12.91
N PRO A 60 -2.43 -8.98 14.03
CA PRO A 60 -1.71 -9.73 15.05
C PRO A 60 -2.58 -10.80 15.73
N MET A 61 -3.90 -10.62 15.68
CA MET A 61 -4.81 -11.59 16.29
C MET A 61 -5.71 -12.27 15.26
N GLY A 62 -5.13 -12.52 14.08
CA GLY A 62 -5.84 -13.18 13.01
C GLY A 62 -5.49 -14.65 13.06
N TYR A 63 -6.16 -15.46 12.26
CA TYR A 63 -5.89 -16.89 12.25
C TYR A 63 -4.48 -17.18 11.74
N THR A 64 -4.04 -16.38 10.78
CA THR A 64 -2.73 -16.54 10.18
C THR A 64 -1.56 -16.01 11.03
N LYS A 65 -1.59 -16.18 12.35
CA LYS A 65 -0.50 -15.68 13.21
C LYS A 65 0.78 -16.54 13.29
N GLU A 66 0.68 -17.80 12.86
CA GLU A 66 1.83 -18.73 12.92
C GLU A 66 2.34 -19.23 11.55
N GLY A 67 1.50 -19.13 10.55
CA GLY A 67 1.84 -19.53 9.20
C GLY A 67 0.67 -19.15 8.33
N CYS A 68 0.88 -19.02 7.03
CA CYS A 68 -0.20 -18.63 6.13
C CYS A 68 -1.22 -19.74 5.84
N ARG A 69 -2.37 -19.35 5.29
CA ARG A 69 -3.46 -20.25 4.99
C ARG A 69 -3.36 -20.83 3.56
N GLY A 70 -3.52 -22.16 3.46
CA GLY A 70 -3.45 -22.89 2.20
C GLY A 70 -2.05 -23.34 1.80
N ILE A 71 -1.13 -23.43 2.78
CA ILE A 71 0.27 -23.81 2.51
C ILE A 71 0.60 -25.30 2.57
N ASP A 72 1.25 -25.76 1.50
CA ASP A 72 1.70 -27.14 1.36
C ASP A 72 2.81 -27.31 2.41
N LYS A 73 2.36 -27.56 3.65
CA LYS A 73 3.21 -27.73 4.82
C LYS A 73 4.30 -28.80 4.68
N ARG A 74 4.16 -29.65 3.66
CA ARG A 74 5.14 -30.69 3.38
C ARG A 74 6.48 -30.06 3.01
N HIS A 75 6.46 -29.27 1.93
CA HIS A 75 7.67 -28.63 1.42
C HIS A 75 7.90 -27.24 1.93
N TRP A 76 6.94 -26.72 2.68
CA TRP A 76 7.04 -25.33 3.11
C TRP A 76 6.80 -24.86 4.51
N ASN A 77 7.60 -23.87 4.85
CA ASN A 77 7.47 -23.15 6.10
C ASN A 77 6.89 -21.83 5.55
N SER A 78 6.05 -21.17 6.32
CA SER A 78 5.48 -19.94 5.81
C SER A 78 5.30 -18.94 6.92
N GLN A 79 4.94 -17.72 6.55
CA GLN A 79 4.78 -16.66 7.51
C GLN A 79 4.20 -15.37 6.93
N CYS A 80 3.26 -14.75 7.65
CA CYS A 80 2.69 -13.50 7.19
C CYS A 80 3.47 -12.38 7.76
N ARG A 81 3.75 -11.43 6.91
CA ARG A 81 4.50 -10.28 7.33
C ARG A 81 3.92 -9.03 6.68
N THR A 82 4.04 -7.94 7.42
CA THR A 82 3.59 -6.63 7.01
C THR A 82 4.65 -6.03 6.09
N THR A 83 4.24 -5.58 4.91
CA THR A 83 5.18 -4.96 3.99
C THR A 83 4.81 -3.47 3.90
N GLN A 84 5.79 -2.62 3.59
CA GLN A 84 5.55 -1.19 3.52
C GLN A 84 5.61 -0.58 2.15
N SER A 85 5.10 0.64 2.03
CA SER A 85 5.06 1.33 0.76
C SER A 85 5.46 2.79 1.01
N TYR A 86 5.70 3.56 -0.05
CA TYR A 86 6.09 4.98 0.05
C TYR A 86 4.93 5.94 -0.22
N VAL A 87 4.59 6.79 0.76
CA VAL A 87 3.53 7.81 0.57
C VAL A 87 4.14 9.19 0.80
N ARG A 88 3.67 10.19 0.06
CA ARG A 88 4.19 11.54 0.24
C ARG A 88 3.50 12.13 1.46
N ALA A 89 4.25 12.94 2.20
CA ALA A 89 3.78 13.54 3.44
C ALA A 89 4.52 14.85 3.68
N LEU A 90 3.88 15.83 4.34
CA LEU A 90 4.57 17.08 4.64
C LEU A 90 5.27 16.67 5.88
N THR A 91 6.56 16.91 5.94
CA THR A 91 7.33 16.44 7.08
C THR A 91 8.37 17.50 7.34
N MET A 92 9.14 17.25 8.39
CA MET A 92 10.22 18.12 8.81
C MET A 92 11.35 17.20 9.22
N ASP A 93 12.55 17.45 8.74
CA ASP A 93 13.67 16.56 9.06
C ASP A 93 14.44 16.84 10.34
N SER A 94 15.66 16.32 10.46
CA SER A 94 16.48 16.52 11.66
C SER A 94 17.08 17.92 11.68
N LYS A 95 17.29 18.49 10.49
CA LYS A 95 17.86 19.81 10.38
C LYS A 95 16.70 20.81 10.28
N LYS A 96 15.58 20.44 10.90
CA LYS A 96 14.35 21.22 10.96
C LYS A 96 13.83 21.82 9.65
N ARG A 97 14.03 21.10 8.54
CA ARG A 97 13.54 21.57 7.23
C ARG A 97 12.20 20.93 6.91
N ILE A 98 11.28 21.74 6.45
CA ILE A 98 9.95 21.30 6.13
C ILE A 98 9.82 21.03 4.69
N GLY A 99 9.24 19.89 4.36
CA GLY A 99 9.04 19.60 2.96
C GLY A 99 8.31 18.29 2.76
N TRP A 100 7.85 18.11 1.52
CA TRP A 100 7.17 16.90 1.08
C TRP A 100 8.22 15.81 0.87
N ARG A 101 8.02 14.66 1.49
CA ARG A 101 8.94 13.56 1.37
C ARG A 101 8.18 12.23 1.29
N PHE A 102 8.83 11.16 0.80
CA PHE A 102 8.18 9.88 0.77
C PHE A 102 8.61 9.19 2.00
N ILE A 103 7.64 8.69 2.75
CA ILE A 103 7.87 8.02 4.01
C ILE A 103 7.26 6.67 3.85
N ARG A 104 7.71 5.72 4.65
CA ARG A 104 7.22 4.36 4.58
C ARG A 104 6.08 4.13 5.52
N ILE A 105 5.01 3.51 5.01
CA ILE A 105 3.88 3.19 5.84
C ILE A 105 3.45 1.78 5.50
N ASP A 106 2.91 1.05 6.47
CA ASP A 106 2.42 -0.31 6.26
C ASP A 106 1.25 -0.27 5.31
N THR A 107 1.28 -1.09 4.26
CA THR A 107 0.17 -1.14 3.32
C THR A 107 -0.29 -2.55 3.00
N SER A 108 0.35 -3.56 3.58
CA SER A 108 -0.04 -4.94 3.29
C SER A 108 0.50 -6.00 4.25
N CYS A 109 -0.05 -7.19 4.12
CA CYS A 109 0.34 -8.35 4.92
C CYS A 109 0.53 -9.45 3.85
N VAL A 110 1.76 -9.84 3.57
CA VAL A 110 1.99 -10.87 2.53
C VAL A 110 2.60 -12.11 3.09
N CYS A 111 2.44 -13.19 2.34
CA CYS A 111 2.96 -14.47 2.76
C CYS A 111 4.32 -14.82 2.17
N THR A 112 5.24 -15.21 3.04
CA THR A 112 6.57 -15.62 2.67
C THR A 112 6.85 -17.10 3.03
N LEU A 113 7.46 -17.81 2.08
CA LEU A 113 7.79 -19.23 2.21
C LEU A 113 9.30 -19.44 2.31
N THR A 114 9.72 -20.45 3.06
CA THR A 114 11.15 -20.83 3.11
C THR A 114 11.12 -22.38 2.90
N ILE A 115 12.07 -22.90 2.10
CA ILE A 115 12.05 -24.34 1.83
C ILE A 115 12.45 -25.01 3.12
N LYS A 116 11.60 -25.95 3.54
CA LYS A 116 11.78 -26.71 4.79
C LYS A 116 13.00 -27.66 4.77
N ARG B 8 19.34 -17.11 2.24
CA ARG B 8 18.98 -17.07 0.79
C ARG B 8 18.06 -18.23 0.35
N GLY B 9 16.98 -18.45 1.09
CA GLY B 9 16.08 -19.54 0.75
C GLY B 9 14.61 -19.11 0.73
N GLU B 10 14.37 -17.80 0.89
CA GLU B 10 13.01 -17.28 0.92
C GLU B 10 12.40 -17.12 -0.46
N VAL B 11 11.12 -17.43 -0.55
CA VAL B 11 10.37 -17.35 -1.79
C VAL B 11 8.96 -16.79 -1.46
N SER B 12 8.38 -15.95 -2.32
CA SER B 12 7.06 -15.39 -2.07
C SER B 12 5.97 -16.16 -2.76
N VAL B 13 4.78 -16.19 -2.19
CA VAL B 13 3.70 -16.90 -2.83
C VAL B 13 3.37 -16.25 -4.18
N CYS B 14 3.64 -14.95 -4.32
CA CYS B 14 3.37 -14.21 -5.56
C CYS B 14 4.46 -13.18 -5.77
N ASP B 15 4.84 -12.95 -7.01
CA ASP B 15 5.88 -11.97 -7.26
C ASP B 15 5.27 -10.64 -7.64
N SER B 16 6.03 -9.58 -7.48
CA SER B 16 5.55 -8.25 -7.77
C SER B 16 6.64 -7.27 -8.23
N GLU B 17 6.18 -6.14 -8.79
CA GLU B 17 7.07 -5.08 -9.25
C GLU B 17 6.57 -3.72 -8.69
N SER B 18 7.52 -2.88 -8.29
CA SER B 18 7.23 -1.55 -7.78
C SER B 18 7.72 -0.57 -8.82
N LEU B 19 7.04 0.55 -8.98
CA LEU B 19 7.46 1.55 -9.94
C LEU B 19 6.90 2.89 -9.53
N TRP B 20 7.51 3.97 -9.98
CA TRP B 20 7.06 5.32 -9.69
C TRP B 20 6.21 5.65 -10.86
N VAL B 21 4.95 5.98 -10.60
CA VAL B 21 3.97 6.33 -11.61
C VAL B 21 3.85 7.83 -11.71
N THR B 22 4.30 8.39 -12.81
CA THR B 22 4.35 9.84 -13.02
C THR B 22 3.31 10.54 -13.90
N ASP B 23 2.51 9.77 -14.63
CA ASP B 23 1.52 10.35 -15.51
C ASP B 23 0.10 9.82 -15.25
N LYS B 24 -0.27 9.69 -13.97
CA LYS B 24 -1.60 9.21 -13.60
C LYS B 24 -2.54 10.40 -13.83
N SER B 25 -3.65 10.18 -14.52
CA SER B 25 -4.58 11.27 -14.79
C SER B 25 -6.03 10.90 -14.46
N SER B 26 -6.26 9.66 -14.01
CA SER B 26 -7.58 9.19 -13.69
C SER B 26 -7.45 8.15 -12.54
N ALA B 27 -8.47 8.04 -11.68
CA ALA B 27 -8.46 7.07 -10.55
C ALA B 27 -9.86 6.89 -9.95
N ILE B 28 -10.04 5.92 -9.07
CA ILE B 28 -11.32 5.70 -8.44
C ILE B 28 -11.14 6.13 -7.01
N ASP B 29 -12.02 7.02 -6.58
CA ASP B 29 -11.94 7.54 -5.24
C ASP B 29 -12.67 6.68 -4.21
N ILE B 30 -12.66 7.11 -2.96
CA ILE B 30 -13.26 6.35 -1.87
C ILE B 30 -14.77 6.20 -1.95
N ARG B 31 -15.39 7.06 -2.75
CA ARG B 31 -16.85 7.05 -2.96
C ARG B 31 -17.17 6.16 -4.12
N GLY B 32 -16.21 5.91 -5.00
CA GLY B 32 -16.49 5.05 -6.14
C GLY B 32 -16.60 5.84 -7.42
N HIS B 33 -16.17 7.09 -7.41
CA HIS B 33 -16.26 7.89 -8.62
C HIS B 33 -14.94 7.88 -9.32
N GLN B 34 -15.01 8.21 -10.59
CA GLN B 34 -13.87 8.38 -11.45
C GLN B 34 -13.51 9.88 -11.28
N VAL B 35 -12.29 10.16 -10.86
CA VAL B 35 -11.85 11.54 -10.72
C VAL B 35 -10.52 11.69 -11.48
N THR B 36 -10.20 12.93 -11.86
CA THR B 36 -8.96 13.26 -12.56
C THR B 36 -7.86 13.55 -11.54
N VAL B 37 -6.67 12.96 -11.71
CA VAL B 37 -5.56 13.23 -10.81
C VAL B 37 -4.80 14.36 -11.49
N LEU B 38 -4.59 15.46 -10.78
CA LEU B 38 -3.87 16.59 -11.36
C LEU B 38 -2.39 16.25 -11.42
N GLY B 39 -1.68 16.88 -12.35
CA GLY B 39 -0.27 16.58 -12.48
C GLY B 39 0.63 17.29 -11.51
N GLU B 40 0.10 18.30 -10.85
CA GLU B 40 0.97 19.05 -9.98
C GLU B 40 0.26 19.63 -8.79
N ILE B 41 1.06 19.92 -7.76
CA ILE B 41 0.61 20.53 -6.54
C ILE B 41 1.36 21.86 -6.62
N LYS B 42 0.62 22.88 -7.05
CA LYS B 42 1.14 24.23 -7.30
C LYS B 42 1.46 25.07 -6.05
N THR B 43 0.56 25.02 -5.07
CA THR B 43 0.70 25.79 -3.83
C THR B 43 2.01 25.52 -3.07
N GLN B 44 2.41 26.53 -2.29
CA GLN B 44 3.68 26.64 -1.55
C GLN B 44 4.65 27.23 -2.59
N ASN B 45 4.06 27.47 -3.77
CA ASN B 45 4.67 27.99 -4.98
C ASN B 45 6.05 27.45 -5.27
N SER B 46 6.04 26.21 -5.72
CA SER B 46 7.25 25.49 -6.10
C SER B 46 7.29 25.53 -7.65
N PRO B 47 6.42 24.76 -8.35
CA PRO B 47 5.38 23.82 -7.94
C PRO B 47 5.93 22.38 -8.07
N VAL B 48 5.50 21.47 -7.20
CA VAL B 48 5.98 20.08 -7.21
C VAL B 48 5.07 19.10 -7.96
N LYS B 49 5.63 18.23 -8.81
CA LYS B 49 4.80 17.28 -9.54
C LYS B 49 4.20 16.24 -8.61
N GLN B 50 3.08 15.65 -9.00
CA GLN B 50 2.40 14.65 -8.20
C GLN B 50 2.55 13.21 -8.73
N TYR B 51 3.36 12.38 -8.05
CA TYR B 51 3.59 11.01 -8.48
C TYR B 51 3.46 10.02 -7.33
N PHE B 52 3.15 8.77 -7.67
CA PHE B 52 2.87 7.71 -6.72
C PHE B 52 3.84 6.52 -6.79
N TYR B 53 4.01 5.85 -5.67
CA TYR B 53 4.86 4.68 -5.65
C TYR B 53 3.85 3.58 -5.71
N GLU B 54 3.84 2.85 -6.82
CA GLU B 54 2.89 1.76 -7.00
C GLU B 54 3.56 0.38 -7.00
N THR B 55 2.77 -0.65 -6.72
CA THR B 55 3.26 -2.01 -6.75
C THR B 55 2.16 -2.96 -7.07
N ARG B 56 2.25 -3.60 -8.21
CA ARG B 56 1.23 -4.56 -8.61
C ARG B 56 1.82 -5.98 -8.86
N CYS B 57 0.95 -6.94 -9.19
CA CYS B 57 1.38 -8.32 -9.49
C CYS B 57 2.08 -8.44 -10.86
N LYS B 58 3.18 -9.23 -10.92
CA LYS B 58 3.92 -9.48 -12.18
C LYS B 58 2.97 -10.25 -13.10
N GLU B 59 2.15 -11.10 -12.49
CA GLU B 59 1.15 -11.92 -13.16
C GLU B 59 0.33 -12.67 -12.11
N ALA B 60 -0.83 -13.17 -12.53
CA ALA B 60 -1.78 -13.89 -11.68
C ALA B 60 -1.42 -15.35 -11.31
N ARG B 61 -0.33 -15.87 -11.86
CA ARG B 61 0.08 -17.21 -11.52
C ARG B 61 1.61 -17.42 -11.73
N PRO B 62 2.40 -17.55 -10.61
CA PRO B 62 3.87 -17.79 -10.63
C PRO B 62 4.14 -19.24 -10.98
N VAL B 63 3.35 -20.10 -10.40
CA VAL B 63 3.37 -21.52 -10.74
C VAL B 63 2.05 -21.55 -11.60
N LYS B 64 1.56 -22.62 -12.16
CA LYS B 64 0.32 -22.41 -12.95
C LYS B 64 -0.95 -23.20 -12.39
N ASN B 65 -0.99 -23.35 -11.04
CA ASN B 65 -2.15 -23.92 -10.28
C ASN B 65 -2.78 -22.67 -9.60
N GLY B 66 -1.94 -21.60 -9.49
CA GLY B 66 -2.34 -20.28 -8.87
C GLY B 66 -1.14 -19.55 -8.30
N CYS B 67 -1.03 -19.52 -6.98
CA CYS B 67 0.10 -18.88 -6.31
C CYS B 67 1.05 -20.01 -5.94
N ARG B 68 2.25 -19.64 -5.53
CA ARG B 68 3.25 -20.62 -5.15
C ARG B 68 3.17 -21.10 -3.70
N GLY B 69 3.58 -22.33 -3.45
CA GLY B 69 3.55 -22.87 -2.10
C GLY B 69 2.21 -23.35 -1.59
N ILE B 70 1.14 -23.15 -2.37
CA ILE B 70 -0.22 -23.56 -1.99
C ILE B 70 -0.46 -25.09 -2.04
N ASP B 71 -1.52 -25.54 -1.35
CA ASP B 71 -1.93 -26.95 -1.32
C ASP B 71 -3.11 -27.13 -2.28
N ASP B 72 -2.79 -27.14 -3.57
CA ASP B 72 -3.75 -27.33 -4.67
C ASP B 72 -4.56 -28.63 -4.48
N LYS B 73 -4.04 -29.49 -3.62
CA LYS B 73 -4.70 -30.78 -3.31
C LYS B 73 -6.02 -30.48 -2.59
N HIS B 74 -6.13 -29.25 -2.10
CA HIS B 74 -7.44 -28.80 -1.58
C HIS B 74 -7.62 -27.26 -1.58
N TRP B 75 -7.10 -26.57 -2.61
CA TRP B 75 -7.18 -25.07 -2.64
C TRP B 75 -6.98 -24.47 -4.00
N ASN B 76 -7.71 -23.41 -4.27
CA ASN B 76 -7.58 -22.71 -5.54
C ASN B 76 -7.10 -21.31 -5.22
N SER B 77 -6.03 -20.92 -5.88
CA SER B 77 -5.44 -19.65 -5.64
C SER B 77 -5.26 -18.82 -6.89
N GLN B 78 -4.87 -17.57 -6.69
CA GLN B 78 -4.64 -16.63 -7.78
C GLN B 78 -3.94 -15.45 -7.10
N CYS B 79 -3.01 -14.80 -7.78
CA CYS B 79 -2.34 -13.66 -7.20
C CYS B 79 -3.01 -12.43 -7.76
N LYS B 80 -3.73 -11.69 -6.91
CA LYS B 80 -4.43 -10.48 -7.37
C LYS B 80 -3.73 -9.21 -6.80
N THR B 81 -3.72 -8.12 -7.57
CA THR B 81 -3.12 -6.87 -7.07
C THR B 81 -4.14 -6.31 -6.07
N SER B 82 -3.68 -5.87 -4.91
CA SER B 82 -4.62 -5.30 -3.98
C SER B 82 -4.29 -3.79 -3.92
N GLN B 83 -5.29 -2.97 -3.53
CA GLN B 83 -5.11 -1.53 -3.46
C GLN B 83 -5.20 -0.93 -2.07
N THR B 84 -4.74 0.28 -1.91
CA THR B 84 -4.80 0.94 -0.63
C THR B 84 -5.36 2.32 -1.02
N TYR B 85 -5.58 3.21 -0.05
CA TYR B 85 -6.07 4.55 -0.34
C TYR B 85 -4.98 5.53 -0.02
N VAL B 86 -4.81 6.52 -0.90
CA VAL B 86 -3.83 7.56 -0.67
C VAL B 86 -4.50 8.87 -1.08
N ARG B 87 -4.25 9.95 -0.34
CA ARG B 87 -4.81 11.24 -0.72
C ARG B 87 -4.05 11.80 -1.89
N ALA B 88 -4.77 12.31 -2.90
CA ALA B 88 -4.22 12.94 -4.12
C ALA B 88 -5.04 14.20 -4.40
N LEU B 89 -4.43 15.20 -5.03
CA LEU B 89 -5.14 16.43 -5.41
C LEU B 89 -5.84 16.04 -6.74
N THR B 90 -7.15 16.19 -6.78
CA THR B 90 -7.92 15.73 -7.94
C THR B 90 -9.02 16.73 -8.28
N SER B 91 -9.72 16.47 -9.37
CA SER B 91 -10.84 17.28 -9.80
C SER B 91 -11.88 16.31 -10.32
N GLU B 92 -13.13 16.75 -10.50
CA GLU B 92 -14.21 15.91 -11.00
C GLU B 92 -15.05 16.76 -11.96
N ASN B 93 -15.07 16.33 -13.23
CA ASN B 93 -15.75 17.01 -14.34
C ASN B 93 -15.15 18.38 -14.48
N ASN B 94 -13.87 18.46 -14.16
CA ASN B 94 -13.09 19.68 -14.22
C ASN B 94 -13.47 20.74 -13.20
N LYS B 95 -14.10 20.32 -12.11
CA LYS B 95 -14.53 21.21 -11.06
C LYS B 95 -14.16 20.58 -9.73
N LEU B 96 -14.50 21.28 -8.66
CA LEU B 96 -14.30 20.79 -7.32
C LEU B 96 -12.92 20.20 -7.05
N VAL B 97 -11.88 20.95 -7.43
CA VAL B 97 -10.49 20.58 -7.23
C VAL B 97 -10.27 20.42 -5.73
N GLY B 98 -9.70 19.30 -5.31
CA GLY B 98 -9.42 19.09 -3.89
C GLY B 98 -8.74 17.75 -3.62
N TRP B 99 -8.39 17.54 -2.36
CA TRP B 99 -7.74 16.33 -1.90
C TRP B 99 -8.76 15.22 -1.65
N ARG B 100 -8.63 14.12 -2.39
CA ARG B 100 -9.54 12.97 -2.22
C ARG B 100 -8.77 11.69 -2.00
N TRP B 101 -9.38 10.70 -1.35
CA TRP B 101 -8.74 9.41 -1.14
C TRP B 101 -8.99 8.62 -2.40
N ILE B 102 -7.92 8.18 -3.06
CA ILE B 102 -8.03 7.38 -4.29
C ILE B 102 -7.38 6.00 -4.10
N ARG B 103 -7.81 5.04 -4.89
CA ARG B 103 -7.25 3.69 -4.83
C ARG B 103 -6.03 3.52 -5.75
N ILE B 104 -4.91 3.11 -5.18
CA ILE B 104 -3.69 2.83 -5.96
C ILE B 104 -3.23 1.41 -5.63
N ASP B 105 -2.69 0.72 -6.64
CA ASP B 105 -2.17 -0.64 -6.46
C ASP B 105 -1.05 -0.52 -5.44
N THR B 106 -1.13 -1.30 -4.37
CA THR B 106 -0.14 -1.22 -3.33
C THR B 106 0.64 -2.54 -3.07
N SER B 107 0.11 -3.67 -3.54
CA SER B 107 0.76 -4.97 -3.35
C SER B 107 0.13 -6.10 -4.15
N CYS B 108 0.77 -7.26 -4.11
CA CYS B 108 0.30 -8.44 -4.82
C CYS B 108 0.00 -9.45 -3.75
N VAL B 109 -1.19 -10.00 -3.79
CA VAL B 109 -1.60 -10.86 -2.73
C VAL B 109 -2.27 -12.16 -3.23
N CYS B 110 -2.11 -13.26 -2.50
CA CYS B 110 -2.73 -14.55 -2.86
C CYS B 110 -4.18 -14.73 -2.37
N ALA B 111 -5.11 -14.98 -3.30
CA ALA B 111 -6.54 -15.19 -2.98
C ALA B 111 -6.87 -16.66 -2.99
N LEU B 112 -7.35 -17.16 -1.86
CA LEU B 112 -7.72 -18.57 -1.71
C LEU B 112 -9.20 -18.86 -1.89
N SER B 113 -9.52 -19.98 -2.52
CA SER B 113 -10.90 -20.42 -2.75
C SER B 113 -10.97 -21.93 -2.46
N ARG B 114 -12.06 -22.37 -1.83
CA ARG B 114 -12.26 -23.78 -1.47
C ARG B 114 -12.58 -24.67 -2.68
N LYS B 115 -12.84 -25.96 -2.44
CA LYS B 115 -13.15 -26.91 -3.51
C LYS B 115 -14.25 -27.96 -3.21
C1 IPA C . 13.92 3.11 6.37
C2 IPA C . 13.99 4.01 5.15
C3 IPA C . 12.62 4.22 4.57
O2 IPA C . 14.82 3.40 4.15
HO2 IPA C . 14.84 3.95 3.37
#